data_7RCU
#
_entry.id   7RCU
#
_cell.length_a   25.666
_cell.length_b   46.266
_cell.length_c   166.017
_cell.angle_alpha   90.050
_cell.angle_beta   90.050
_cell.angle_gamma   90.020
#
_symmetry.space_group_name_H-M   'P 1'
#
loop_
_entity.id
_entity.type
_entity.pdbx_description
1 polymer 'Protein max'
2 polymer 'Protein max'
3 polymer "DNA (5'-D(*A*GP*TP*AP*GP*CP*AP*CP*GP*TP*GP*CP*TP*AP*CP*TP*A)-3')"
4 polymer "DNA (5'-D(*G*TP*AP*GP*CP*AP*CP*GP*TP*GP*CP*TP*AP*CP*TP*A)-3')"
5 non-polymer 2-(2,5-dioxopyrrolidin-1-yl)acetamide
6 non-polymer "2'-DEOXYADENOSINE-5'-MONOPHOSPHATE"
7 non-polymer ACETAMIDE
8 water water
#
loop_
_entity_poly.entity_id
_entity_poly.type
_entity_poly.pdbx_seq_one_letter_code
_entity_poly.pdbx_strand_id
1 'polypeptide(L)' KRAHHNALERKRRDHIKDSFHKLRDSVP A,B,E,F,I,J,M,N
2 'polypeptide(L)' (ACE)SRAQILCKATEYIQYMRRKN S,Q,V,R,W,T,X,U
3 'polydeoxyribonucleotide' (DA)(DG)(DT)(DA)(DG)(DC)(DA)(DC)(DG)(DT)(DG)(DC)(DT)(DA)(DC)(DT)(DA) C,G,H,K,L,O,P
4 'polydeoxyribonucleotide' (DG)(DT)(DA)(DG)(DC)(DA)(DC)(DG)(DT)(DG)(DC)(DT)(DA)(DC)(DT)(DA) D
#
loop_
_chem_comp.id
_chem_comp.type
_chem_comp.name
_chem_comp.formula
ACE non-polymer 'ACETYL GROUP' 'C2 H4 O'
ACM non-polymer ACETAMIDE 'C2 H5 N O'
D5M non-polymer 2'-DEOXYADENOSINE-5'-MONOPHOSPHATE 'C10 H14 N5 O6 P'
DA DNA linking 2'-DEOXYADENOSINE-5'-MONOPHOSPHATE 'C10 H14 N5 O6 P'
DC DNA linking 2'-DEOXYCYTIDINE-5'-MONOPHOSPHATE 'C9 H14 N3 O7 P'
DG DNA linking 2'-DEOXYGUANOSINE-5'-MONOPHOSPHATE 'C10 H14 N5 O7 P'
DT DNA linking THYMIDINE-5'-MONOPHOSPHATE 'C10 H15 N2 O8 P'
V7J non-polymer 2-(2,5-dioxopyrrolidin-1-yl)acetamide 'C6 H8 N2 O3'
#
# COMPACT_ATOMS: atom_id res chain seq x y z
N LYS A 1 -25.59 -72.84 37.28
CA LYS A 1 -25.47 -73.56 36.02
C LYS A 1 -25.27 -72.60 34.86
N ARG A 2 -26.36 -71.97 34.41
CA ARG A 2 -26.28 -70.97 33.35
C ARG A 2 -26.00 -69.57 33.90
N ALA A 3 -26.54 -69.25 35.08
CA ALA A 3 -26.16 -68.01 35.75
C ALA A 3 -24.66 -67.93 35.92
N HIS A 4 -24.00 -69.08 36.09
CA HIS A 4 -22.54 -69.14 36.06
C HIS A 4 -22.00 -68.62 34.74
N HIS A 5 -22.67 -68.93 33.63
CA HIS A 5 -22.24 -68.43 32.33
C HIS A 5 -22.54 -66.95 32.18
N ASN A 6 -23.73 -66.51 32.61
CA ASN A 6 -24.06 -65.09 32.54
C ASN A 6 -23.13 -64.26 33.41
N ALA A 7 -22.75 -64.78 34.58
CA ALA A 7 -21.80 -64.08 35.43
C ALA A 7 -20.40 -64.09 34.82
N LEU A 8 -20.05 -65.18 34.12
CA LEU A 8 -18.73 -65.27 33.50
C LEU A 8 -18.62 -64.32 32.31
N GLU A 9 -19.70 -64.20 31.53
CA GLU A 9 -19.74 -63.24 30.43
C GLU A 9 -19.72 -61.80 30.95
N ARG A 10 -20.28 -61.56 32.14
CA ARG A 10 -20.18 -60.25 32.75
C ARG A 10 -18.72 -59.87 32.99
N LYS A 11 -17.90 -60.85 33.38
CA LYS A 11 -16.48 -60.58 33.56
C LYS A 11 -15.78 -60.36 32.22
N ARG A 12 -16.26 -61.01 31.16
CA ARG A 12 -15.65 -60.84 29.84
C ARG A 12 -15.97 -59.46 29.27
N ARG A 13 -17.22 -59.03 29.38
CA ARG A 13 -17.58 -57.68 28.96
C ARG A 13 -16.79 -56.64 29.74
N ASP A 14 -16.67 -56.85 31.06
CA ASP A 14 -15.83 -55.99 31.89
C ASP A 14 -14.40 -55.98 31.35
N HIS A 15 -13.91 -57.13 30.86
CA HIS A 15 -12.56 -57.18 30.32
C HIS A 15 -12.45 -56.40 29.01
N ILE A 16 -13.44 -56.54 28.12
CA ILE A 16 -13.42 -55.80 26.86
C ILE A 16 -13.54 -54.30 27.13
N LYS A 17 -14.52 -53.92 27.96
CA LYS A 17 -14.69 -52.52 28.33
C LYS A 17 -13.43 -51.96 28.99
N ASP A 18 -12.70 -52.80 29.73
CA ASP A 18 -11.39 -52.41 30.25
C ASP A 18 -10.42 -52.10 29.12
N SER A 19 -10.40 -52.95 28.09
CA SER A 19 -9.49 -52.74 26.97
C SER A 19 -9.88 -51.53 26.13
N PHE A 20 -11.19 -51.28 25.99
CA PHE A 20 -11.64 -50.05 25.36
C PHE A 20 -11.10 -48.83 26.10
N HIS A 21 -11.22 -48.83 27.43
CA HIS A 21 -10.77 -47.68 28.22
C HIS A 21 -9.26 -47.52 28.14
N LYS A 22 -8.53 -48.63 28.09
CA LYS A 22 -7.07 -48.54 27.96
C LYS A 22 -6.67 -47.93 26.62
N LEU A 23 -7.28 -48.40 25.53
CA LEU A 23 -6.94 -47.88 24.21
C LEU A 23 -7.29 -46.39 24.10
N ARG A 24 -8.40 -45.98 24.71
CA ARG A 24 -8.78 -44.57 24.68
C ARG A 24 -7.77 -43.71 25.41
N ASP A 25 -7.23 -44.21 26.53
CA ASP A 25 -6.26 -43.45 27.31
C ASP A 25 -4.95 -43.22 26.56
N SER A 26 -4.64 -44.06 25.57
CA SER A 26 -3.38 -43.95 24.86
C SER A 26 -3.43 -42.96 23.69
N VAL A 27 -4.61 -42.53 23.28
CA VAL A 27 -4.79 -41.60 22.17
C VAL A 27 -5.19 -40.26 22.73
N PRO A 28 -4.51 -39.16 22.35
CA PRO A 28 -4.85 -37.82 22.83
C PRO A 28 -6.22 -37.35 22.35
C ACE B 1 -9.42 -60.66 15.59
O ACE B 1 -9.91 -60.41 14.46
CH3 ACE B 1 -7.96 -60.42 15.88
N SER B 2 -10.20 -61.15 16.62
CA SER B 2 -10.78 -61.26 17.92
C SER B 2 -10.80 -59.85 18.49
N ARG B 3 -11.95 -59.47 19.08
CA ARG B 3 -12.11 -58.11 19.58
C ARG B 3 -11.10 -57.80 20.67
N ALA B 4 -10.85 -58.75 21.57
CA ALA B 4 -9.82 -58.55 22.59
C ALA B 4 -8.45 -58.38 21.94
N GLN B 5 -8.15 -59.18 20.91
CA GLN B 5 -6.86 -59.10 20.25
C GLN B 5 -6.72 -57.79 19.47
N ILE B 6 -7.80 -57.32 18.85
CA ILE B 6 -7.74 -56.07 18.10
C ILE B 6 -7.48 -54.90 19.03
N LEU B 7 -8.21 -54.83 20.15
CA LEU B 7 -7.98 -53.78 21.13
C LEU B 7 -6.55 -53.79 21.64
N CYS B 8 -6.05 -54.98 22.00
CA CYS B 8 -4.70 -55.10 22.53
C CYS B 8 -3.67 -54.59 21.53
N LYS B 9 -3.83 -54.96 20.26
CA LYS B 9 -2.89 -54.55 19.22
C LYS B 9 -2.77 -53.04 19.07
N ALA B 10 -3.86 -52.41 18.66
CA ALA B 10 -3.87 -50.96 18.53
C ALA B 10 -3.35 -50.30 19.79
N THR B 11 -3.77 -50.80 20.96
CA THR B 11 -3.30 -50.22 22.22
C THR B 11 -1.80 -50.38 22.39
N GLU B 12 -1.26 -51.56 22.02
CA GLU B 12 0.18 -51.77 22.15
C GLU B 12 0.96 -51.04 21.06
N TYR B 13 0.36 -50.85 19.89
CA TYR B 13 1.04 -50.12 18.83
C TYR B 13 0.93 -48.62 19.01
N ILE B 14 -0.16 -48.12 19.58
CA ILE B 14 -0.25 -46.71 19.93
C ILE B 14 0.81 -46.37 20.97
N GLN B 15 1.02 -47.24 21.96
CA GLN B 15 1.92 -46.94 23.06
C GLN B 15 3.38 -46.91 22.59
N TYR B 16 3.82 -47.98 21.93
CA TYR B 16 5.09 -47.97 21.21
C TYR B 16 5.26 -46.75 20.32
N MET B 17 4.39 -46.58 19.31
CA MET B 17 4.64 -45.56 18.31
C MET B 17 4.54 -44.15 18.89
N ARG B 18 3.84 -43.97 20.01
CA ARG B 18 3.76 -42.68 20.67
C ARG B 18 5.03 -42.36 21.47
N ARG B 19 5.87 -43.36 21.73
CA ARG B 19 7.14 -43.16 22.41
C ARG B 19 8.32 -43.19 21.43
N LYS B 20 8.16 -42.69 20.22
CA LYS B 20 9.30 -42.46 19.31
C LYS B 20 9.22 -40.99 18.90
N ARG C 2 -41.04 -52.22 18.46
CA ARG C 2 -39.91 -52.99 18.99
C ARG C 2 -39.03 -53.42 17.85
N ALA C 3 -39.54 -54.23 16.94
CA ALA C 3 -38.78 -54.61 15.74
C ALA C 3 -37.97 -53.50 15.09
N HIS C 4 -38.47 -52.29 15.07
CA HIS C 4 -37.78 -51.16 14.56
C HIS C 4 -36.65 -50.87 15.48
N HIS C 5 -36.85 -50.98 16.78
CA HIS C 5 -35.76 -50.70 17.69
C HIS C 5 -34.68 -51.68 17.48
N ASN C 6 -35.05 -52.94 17.49
CA ASN C 6 -34.15 -54.02 17.25
C ASN C 6 -33.47 -53.82 15.95
N ALA C 7 -34.14 -53.48 14.88
CA ALA C 7 -33.49 -53.25 13.62
C ALA C 7 -32.37 -52.23 13.60
N LEU C 8 -32.47 -51.18 14.40
CA LEU C 8 -31.46 -50.15 14.42
C LEU C 8 -30.24 -50.60 15.15
N GLU C 9 -30.41 -51.30 16.26
CA GLU C 9 -29.31 -51.80 17.03
C GLU C 9 -28.49 -52.84 16.30
N ARG C 10 -29.12 -53.62 15.44
CA ARG C 10 -28.49 -54.63 14.61
C ARG C 10 -27.53 -53.95 13.62
N LYS C 11 -27.97 -52.81 13.14
CA LYS C 11 -27.30 -51.97 12.24
C LYS C 11 -26.33 -51.10 12.96
N ARG C 12 -26.50 -50.90 14.24
CA ARG C 12 -25.56 -50.11 14.95
C ARG C 12 -24.43 -50.96 15.41
N ARG C 13 -24.71 -52.22 15.66
CA ARG C 13 -23.68 -53.14 16.06
C ARG C 13 -22.76 -53.35 14.91
N ASP C 14 -23.33 -53.51 13.75
CA ASP C 14 -22.61 -53.73 12.51
C ASP C 14 -21.69 -52.64 12.14
N HIS C 15 -21.99 -51.41 12.50
CA HIS C 15 -21.16 -50.29 12.29
C HIS C 15 -20.00 -50.27 13.31
N ILE C 16 -20.18 -50.92 14.46
CA ILE C 16 -19.17 -51.04 15.49
C ILE C 16 -18.13 -52.09 15.09
N LYS C 17 -18.60 -53.14 14.46
CA LYS C 17 -17.73 -54.17 13.98
C LYS C 17 -16.98 -53.63 12.84
N ASP C 18 -17.61 -52.81 12.06
CA ASP C 18 -16.96 -52.27 10.92
C ASP C 18 -15.89 -51.38 11.40
N SER C 19 -16.14 -50.66 12.46
CA SER C 19 -15.16 -49.76 13.02
C SER C 19 -14.07 -50.55 13.71
N PHE C 20 -14.32 -51.78 14.12
CA PHE C 20 -13.32 -52.64 14.72
C PHE C 20 -12.37 -53.24 13.66
N HIS C 21 -12.83 -53.46 12.42
CA HIS C 21 -12.03 -54.09 11.34
C HIS C 21 -11.17 -53.02 10.67
N LYS C 22 -11.62 -51.76 10.71
CA LYS C 22 -10.90 -50.61 10.14
C LYS C 22 -9.66 -50.32 10.99
N LEU C 23 -9.76 -50.57 12.29
CA LEU C 23 -8.68 -50.35 13.26
C LEU C 23 -7.65 -51.47 13.18
N ARG C 24 -8.09 -52.71 12.98
CA ARG C 24 -7.15 -53.82 12.86
C ARG C 24 -6.35 -53.75 11.55
N ASP C 25 -6.95 -53.13 10.54
CA ASP C 25 -6.31 -52.96 9.21
C ASP C 25 -5.36 -51.77 9.20
N SER C 26 -5.40 -50.90 10.20
CA SER C 26 -4.56 -49.69 10.18
C SER C 26 -3.16 -49.99 10.73
N VAL C 27 -3.10 -50.75 11.81
CA VAL C 27 -1.81 -51.06 12.49
C VAL C 27 -1.12 -52.19 11.75
N PRO C 28 0.23 -52.20 11.65
CA PRO C 28 0.94 -53.28 10.97
C PRO C 28 1.13 -54.49 11.89
CA SER D 2 -18.44 -43.81 23.33
C SER D 2 -17.53 -44.78 22.66
N ARG D 3 -17.87 -46.05 22.61
CA ARG D 3 -17.06 -47.07 21.98
C ARG D 3 -16.73 -46.77 20.58
N ALA D 4 -17.71 -46.39 19.79
CA ALA D 4 -17.43 -46.04 18.42
C ALA D 4 -16.47 -44.87 18.23
N GLN D 5 -16.54 -43.90 19.13
CA GLN D 5 -15.69 -42.73 19.19
C GLN D 5 -14.25 -43.15 19.38
N ILE D 6 -14.04 -44.08 20.28
CA ILE D 6 -12.77 -44.62 20.58
C ILE D 6 -12.12 -45.32 19.39
N LEU D 7 -12.85 -46.08 18.58
CA LEU D 7 -12.31 -46.78 17.46
C LEU D 7 -11.94 -45.82 16.36
N CYS D 8 -12.72 -44.77 16.15
CA CYS D 8 -12.44 -43.79 15.14
C CYS D 8 -11.27 -42.96 15.52
N LYS D 9 -11.22 -42.54 16.75
CA LYS D 9 -10.14 -41.78 17.25
C LYS D 9 -8.90 -42.59 17.13
N ALA D 10 -8.90 -43.82 17.58
CA ALA D 10 -7.75 -44.69 17.46
C ALA D 10 -7.40 -44.97 16.04
N THR D 11 -8.36 -45.29 15.21
CA THR D 11 -8.04 -45.54 13.82
C THR D 11 -7.43 -44.35 13.12
N GLU D 12 -7.93 -43.16 13.45
CA GLU D 12 -7.47 -41.92 12.88
C GLU D 12 -6.19 -41.40 13.51
N TYR D 13 -5.88 -41.81 14.71
CA TYR D 13 -4.65 -41.42 15.32
C TYR D 13 -3.57 -42.26 14.79
N ILE D 14 -3.86 -43.51 14.49
CA ILE D 14 -2.88 -44.41 13.94
C ILE D 14 -2.61 -44.04 12.52
N GLN D 15 -3.62 -43.58 11.83
CA GLN D 15 -3.49 -43.21 10.43
C GLN D 15 -2.61 -42.00 10.15
N TYR D 16 -2.47 -41.15 11.13
CA TYR D 16 -1.70 -39.96 11.09
C TYR D 16 -0.29 -40.12 11.60
N MET D 17 -0.05 -41.02 12.54
CA MET D 17 1.27 -41.24 13.10
C MET D 17 2.12 -42.08 12.20
N ARG D 18 1.44 -42.82 11.36
CA ARG D 18 2.00 -43.69 10.39
C ARG D 18 1.76 -42.96 9.09
N ARG G 2 40.85 -2.35 -5.73
CA ARG G 2 39.67 -3.20 -5.88
C ARG G 2 38.52 -2.63 -5.07
N ALA G 3 38.74 -2.43 -3.78
CA ALA G 3 37.85 -1.64 -2.94
C ALA G 3 38.19 -0.16 -3.01
N HIS G 4 39.36 0.19 -3.52
CA HIS G 4 39.70 1.60 -3.75
C HIS G 4 38.86 2.18 -4.88
N HIS G 5 38.59 1.38 -5.92
CA HIS G 5 37.73 1.84 -7.01
C HIS G 5 36.31 2.06 -6.51
N ASN G 6 35.78 1.11 -5.74
CA ASN G 6 34.43 1.26 -5.19
C ASN G 6 34.35 2.46 -4.26
N ALA G 7 35.42 2.75 -3.51
CA ALA G 7 35.42 3.90 -2.63
C ALA G 7 35.51 5.20 -3.40
N LEU G 8 36.27 5.21 -4.49
CA LEU G 8 36.39 6.43 -5.30
C LEU G 8 35.10 6.70 -6.07
N GLU G 9 34.48 5.66 -6.63
CA GLU G 9 33.23 5.84 -7.35
C GLU G 9 32.13 6.37 -6.44
N ARG G 10 32.00 5.80 -5.25
CA ARG G 10 31.00 6.25 -4.30
C ARG G 10 31.23 7.70 -3.85
N LYS G 11 32.46 8.20 -3.98
CA LYS G 11 32.73 9.61 -3.75
C LYS G 11 32.45 10.47 -4.97
N ARG G 12 32.62 9.92 -6.18
CA ARG G 12 32.25 10.67 -7.37
C ARG G 12 30.74 10.81 -7.49
N ARG G 13 29.98 9.80 -7.05
CA ARG G 13 28.53 9.96 -6.96
C ARG G 13 28.17 11.13 -6.05
N ASP G 14 28.82 11.20 -4.88
CA ASP G 14 28.52 12.25 -3.93
C ASP G 14 28.71 13.64 -4.53
N HIS G 15 29.75 13.80 -5.37
CA HIS G 15 30.01 15.10 -5.97
C HIS G 15 28.97 15.43 -7.04
N ILE G 16 28.61 14.46 -7.87
CA ILE G 16 27.47 14.64 -8.78
C ILE G 16 26.23 15.00 -7.98
N LYS G 17 26.04 14.35 -6.83
CA LYS G 17 24.85 14.59 -6.01
C LYS G 17 24.83 16.02 -5.48
N ASP G 18 25.98 16.51 -4.99
CA ASP G 18 26.03 17.86 -4.46
C ASP G 18 25.90 18.90 -5.56
N SER G 19 26.36 18.58 -6.77
CA SER G 19 26.14 19.49 -7.89
C SER G 19 24.66 19.59 -8.24
N PHE G 20 23.93 18.47 -8.11
CA PHE G 20 22.49 18.52 -8.32
C PHE G 20 21.82 19.45 -7.32
N HIS G 21 22.23 19.38 -6.05
CA HIS G 21 21.68 20.28 -5.04
C HIS G 21 22.10 21.73 -5.31
N LYS G 22 23.36 21.93 -5.69
CA LYS G 22 23.83 23.27 -6.01
C LYS G 22 23.07 23.85 -7.19
N LEU G 23 22.74 23.02 -8.17
CA LEU G 23 21.92 23.48 -9.30
C LEU G 23 20.48 23.71 -8.86
N ARG G 24 19.95 22.83 -8.00
CA ARG G 24 18.59 23.00 -7.50
C ARG G 24 18.45 24.27 -6.69
N ASP G 25 19.43 24.55 -5.82
CA ASP G 25 19.46 25.74 -4.96
C ASP G 25 19.70 27.03 -5.73
N SER G 26 19.75 27.03 -7.07
CA SER G 26 20.00 28.24 -7.83
C SER G 26 18.79 28.75 -8.58
N VAL G 27 17.86 27.89 -8.95
CA VAL G 27 16.65 28.30 -9.68
C VAL G 27 15.58 28.71 -8.68
N PRO G 28 14.83 29.78 -8.95
CA PRO G 28 13.73 30.22 -8.08
C PRO G 28 12.38 29.67 -8.52
CA SER H 2 30.56 15.29 -18.63
C SER H 2 29.31 15.71 -17.87
N ARG H 3 28.71 14.76 -17.16
CA ARG H 3 27.57 15.07 -16.32
C ARG H 3 27.91 16.15 -15.32
N ALA H 4 29.07 16.03 -14.67
CA ALA H 4 29.48 17.03 -13.69
C ALA H 4 29.64 18.41 -14.34
N GLN H 5 30.16 18.46 -15.56
CA GLN H 5 30.39 19.74 -16.20
C GLN H 5 29.08 20.42 -16.61
N ILE H 6 28.09 19.64 -17.02
CA ILE H 6 26.80 20.22 -17.42
C ILE H 6 26.15 20.91 -16.23
N LEU H 7 26.10 20.23 -15.08
CA LEU H 7 25.59 20.86 -13.87
C LEU H 7 26.40 22.10 -13.50
N CYS H 8 27.73 22.02 -13.68
CA CYS H 8 28.59 23.16 -13.41
C CYS H 8 28.20 24.36 -14.26
N LYS H 9 28.24 24.20 -15.59
CA LYS H 9 27.88 25.28 -16.49
C LYS H 9 26.51 25.84 -16.16
N ALA H 10 25.53 24.95 -16.12
CA ALA H 10 24.14 25.34 -15.77
C ALA H 10 24.18 26.10 -14.45
N THR H 11 24.82 25.57 -13.41
CA THR H 11 24.87 26.34 -12.15
C THR H 11 25.62 27.65 -12.33
N GLU H 12 26.68 27.65 -13.12
CA GLU H 12 27.49 28.87 -13.34
C GLU H 12 26.79 29.87 -14.24
N TYR H 13 26.00 29.41 -15.19
CA TYR H 13 25.27 30.28 -16.13
C TYR H 13 24.08 30.86 -15.41
N ILE H 14 23.40 30.07 -14.57
CA ILE H 14 22.27 30.69 -13.90
C ILE H 14 22.74 31.76 -12.91
N GLN H 15 23.78 31.44 -12.13
CA GLN H 15 24.33 32.43 -11.21
C GLN H 15 24.80 33.67 -11.95
N TYR H 16 25.17 33.52 -13.23
CA TYR H 16 25.53 34.65 -14.07
C TYR H 16 24.30 35.43 -14.49
N MET H 17 23.32 34.74 -15.10
CA MET H 17 22.14 35.42 -15.60
C MET H 17 21.27 35.97 -14.47
N ARG H 18 21.27 35.31 -13.31
CA ARG H 18 20.50 35.82 -12.17
C ARG H 18 21.13 37.06 -11.57
N ARG H 19 22.42 37.31 -11.83
CA ARG H 19 23.07 38.52 -11.35
C ARG H 19 22.65 39.75 -12.15
N LYS H 20 22.13 39.56 -13.35
CA LYS H 20 21.54 40.63 -14.13
C LYS H 20 20.02 40.61 -13.95
N ASN H 21 19.46 41.73 -13.53
CA ASN H 21 18.04 41.82 -13.27
C ASN H 21 17.23 41.92 -14.57
N ARG I 2 12.84 -10.61 -13.94
CA ARG I 2 13.73 -9.53 -13.44
C ARG I 2 14.55 -8.96 -14.60
N ALA I 3 14.41 -9.50 -15.79
CA ALA I 3 15.06 -8.94 -16.99
C ALA I 3 14.27 -7.69 -17.37
N HIS I 4 12.96 -7.75 -17.14
CA HIS I 4 12.00 -6.67 -17.36
C HIS I 4 12.36 -5.51 -16.43
N HIS I 5 12.77 -5.80 -15.21
CA HIS I 5 13.09 -4.70 -14.26
C HIS I 5 14.18 -3.81 -14.82
N ASN I 6 15.35 -4.39 -15.06
CA ASN I 6 16.51 -3.62 -15.58
C ASN I 6 16.12 -2.84 -16.82
N ALA I 7 15.40 -3.48 -17.76
CA ALA I 7 14.92 -2.85 -19.00
C ALA I 7 14.24 -1.52 -18.69
N LEU I 8 13.32 -1.45 -17.74
CA LEU I 8 12.64 -0.17 -17.41
C LEU I 8 13.70 0.84 -16.97
N GLU I 9 14.50 0.43 -16.00
CA GLU I 9 15.57 1.30 -15.46
C GLU I 9 16.50 1.67 -16.61
N ARG I 10 16.88 0.73 -17.47
CA ARG I 10 17.68 1.02 -18.67
C ARG I 10 16.96 2.08 -19.51
N LYS I 11 15.64 2.00 -19.69
CA LYS I 11 14.94 3.05 -20.47
C LYS I 11 14.81 4.32 -19.62
N ARG I 12 14.87 4.21 -18.29
CA ARG I 12 14.73 5.40 -17.40
C ARG I 12 16.09 6.07 -17.26
N ARG I 13 17.15 5.28 -17.30
CA ARG I 13 18.53 5.79 -17.20
C ARG I 13 18.81 6.64 -18.43
N ASP I 14 18.29 6.26 -19.60
CA ASP I 14 18.45 7.02 -20.86
C ASP I 14 17.49 8.21 -20.92
N HIS I 15 16.51 8.26 -20.04
CA HIS I 15 15.63 9.44 -19.98
C HIS I 15 16.36 10.53 -19.19
N ILE I 16 17.30 10.14 -18.34
CA ILE I 16 18.10 11.13 -17.60
C ILE I 16 19.22 11.60 -18.52
N LYS I 17 19.82 10.68 -19.27
CA LYS I 17 20.90 11.05 -20.22
C LYS I 17 20.36 12.06 -21.22
N ASP I 18 19.13 11.86 -21.72
CA ASP I 18 18.45 12.77 -22.67
C ASP I 18 18.28 14.13 -22.00
N SER I 19 17.68 14.14 -20.82
CA SER I 19 17.44 15.38 -20.03
C SER I 19 18.74 16.07 -19.65
N PHE I 20 19.84 15.34 -19.49
CA PHE I 20 21.16 15.94 -19.27
C PHE I 20 21.56 16.65 -20.57
N HIS I 21 21.33 16.03 -21.72
CA HIS I 21 21.70 16.66 -23.01
C HIS I 21 20.91 17.93 -23.23
N LYS I 22 19.61 17.91 -22.95
CA LYS I 22 18.68 19.05 -23.07
C LYS I 22 19.21 20.21 -22.22
N LEU I 23 19.66 19.94 -21.01
CA LEU I 23 20.19 21.04 -20.18
C LEU I 23 21.59 21.43 -20.63
N ARG I 24 22.30 20.54 -21.31
CA ARG I 24 23.66 20.86 -21.82
C ARG I 24 23.50 21.82 -22.99
N ASP I 25 22.48 21.57 -23.82
CA ASP I 25 22.23 22.35 -25.05
C ASP I 25 21.59 23.70 -24.75
N SER I 26 21.09 23.91 -23.54
CA SER I 26 20.45 25.19 -23.18
C SER I 26 21.51 26.22 -22.85
N VAL I 27 22.70 25.76 -22.48
CA VAL I 27 23.78 26.69 -22.05
C VAL I 27 24.90 26.81 -23.08
N PRO I 28 25.15 28.02 -23.62
CA PRO I 28 26.25 28.26 -24.54
C PRO I 28 27.60 27.94 -23.89
CA SER J 2 14.00 13.80 -8.27
C SER J 2 14.94 14.58 -9.14
N ARG J 3 15.91 13.87 -9.72
CA ARG J 3 16.88 14.52 -10.58
C ARG J 3 16.27 14.91 -11.90
N ALA J 4 15.29 14.13 -12.36
CA ALA J 4 14.49 14.55 -13.50
C ALA J 4 13.88 15.92 -13.26
N GLN J 5 13.33 16.13 -12.06
CA GLN J 5 12.75 17.42 -11.71
C GLN J 5 13.80 18.52 -11.75
N ILE J 6 14.96 18.27 -11.13
CA ILE J 6 16.01 19.29 -11.07
C ILE J 6 16.50 19.62 -12.48
N LEU J 7 16.71 18.59 -13.30
CA LEU J 7 17.25 18.80 -14.64
C LEU J 7 16.27 19.59 -15.51
N CYS J 8 15.00 19.33 -15.30
CA CYS J 8 13.91 19.94 -16.03
C CYS J 8 13.68 21.37 -15.63
N LYS J 9 13.69 21.59 -14.34
CA LYS J 9 13.48 22.91 -13.73
C LYS J 9 14.58 23.87 -14.15
N ALA J 10 15.82 23.40 -14.20
CA ALA J 10 16.93 24.23 -14.67
C ALA J 10 16.94 24.37 -16.19
N THR J 11 16.30 23.47 -16.92
CA THR J 11 16.25 23.56 -18.38
C THR J 11 15.11 24.45 -18.85
N GLU J 12 14.02 24.52 -18.09
CA GLU J 12 12.96 25.48 -18.40
C GLU J 12 13.38 26.89 -18.01
N TYR J 13 14.08 27.04 -16.87
CA TYR J 13 14.47 28.37 -16.42
C TYR J 13 15.59 28.96 -17.27
N ILE J 14 16.50 28.13 -17.78
CA ILE J 14 17.55 28.66 -18.64
C ILE J 14 16.99 29.03 -20.01
N GLN J 15 16.00 28.29 -20.49
CA GLN J 15 15.32 28.68 -21.74
C GLN J 15 14.56 29.99 -21.56
N TYR J 16 13.96 30.19 -20.39
CA TYR J 16 13.16 31.41 -20.19
C TYR J 16 14.02 32.64 -19.91
N MET J 17 15.18 32.49 -19.27
CA MET J 17 15.98 33.69 -18.96
C MET J 17 16.85 34.04 -20.16
N ARG J 18 16.88 33.18 -21.16
CA ARG J 18 17.69 33.41 -22.38
C ARG J 18 16.79 34.14 -23.40
N ARG M 2 30.76 77.65 -8.80
CA ARG M 2 31.13 76.26 -9.02
C ARG M 2 30.78 75.39 -7.82
N ALA M 3 31.49 75.61 -6.70
CA ALA M 3 31.23 74.84 -5.49
C ALA M 3 29.78 74.98 -5.04
N HIS M 4 29.17 76.15 -5.29
CA HIS M 4 27.75 76.33 -5.02
C HIS M 4 26.91 75.34 -5.82
N HIS M 5 27.26 75.13 -7.09
CA HIS M 5 26.55 74.15 -7.90
C HIS M 5 26.86 72.73 -7.44
N ASN M 6 28.12 72.46 -7.11
CA ASN M 6 28.49 71.16 -6.58
C ASN M 6 27.69 70.83 -5.32
N ALA M 7 27.50 71.82 -4.44
CA ALA M 7 26.83 71.58 -3.17
C ALA M 7 25.34 71.34 -3.34
N LEU M 8 24.71 71.95 -4.34
CA LEU M 8 23.29 71.73 -4.55
C LEU M 8 23.02 70.35 -5.13
N GLU M 9 23.74 69.98 -6.18
CA GLU M 9 23.62 68.62 -6.69
C GLU M 9 24.03 67.59 -5.65
N ARG M 10 24.98 67.95 -4.77
CA ARG M 10 25.33 67.06 -3.67
C ARG M 10 24.17 66.85 -2.72
N LYS M 11 23.26 67.82 -2.63
CA LYS M 11 22.04 67.64 -1.84
C LYS M 11 20.92 67.04 -2.67
N ARG M 12 20.88 67.33 -3.98
CA ARG M 12 19.91 66.65 -4.84
C ARG M 12 20.23 65.17 -4.97
N ARG M 13 21.52 64.81 -4.89
CA ARG M 13 21.90 63.40 -4.93
C ARG M 13 21.36 62.65 -3.71
N ASP M 14 21.46 63.26 -2.53
CA ASP M 14 20.96 62.64 -1.31
C ASP M 14 19.44 62.73 -1.17
N HIS M 15 18.78 63.51 -2.03
CA HIS M 15 17.32 63.44 -2.10
C HIS M 15 16.87 62.19 -2.86
N ILE M 16 17.63 61.80 -3.89
CA ILE M 16 17.30 60.59 -4.64
C ILE M 16 17.57 59.36 -3.78
N LYS M 17 18.72 59.31 -3.13
CA LYS M 17 19.05 58.24 -2.20
C LYS M 17 17.98 58.10 -1.12
N ASP M 18 17.57 59.23 -0.55
CA ASP M 18 16.48 59.24 0.42
C ASP M 18 15.22 58.61 -0.18
N SER M 19 14.91 58.96 -1.43
CA SER M 19 13.75 58.37 -2.09
C SER M 19 13.97 56.88 -2.37
N PHE M 20 15.19 56.49 -2.70
CA PHE M 20 15.51 55.08 -2.85
C PHE M 20 15.28 54.33 -1.54
N HIS M 21 15.81 54.86 -0.44
CA HIS M 21 15.62 54.22 0.86
C HIS M 21 14.15 54.23 1.26
N LYS M 22 13.45 55.34 0.99
CA LYS M 22 12.02 55.39 1.25
C LYS M 22 11.28 54.34 0.42
N LEU M 23 11.62 54.24 -0.87
CA LEU M 23 11.05 53.19 -1.72
C LEU M 23 11.39 51.81 -1.19
N ARG M 24 12.65 51.61 -0.77
CA ARG M 24 13.09 50.30 -0.32
C ARG M 24 12.28 49.84 0.89
N ASP M 25 12.06 50.74 1.86
CA ASP M 25 11.32 50.36 3.06
C ASP M 25 9.83 50.15 2.78
N SER M 26 9.32 50.69 1.69
CA SER M 26 7.93 50.43 1.33
C SER M 26 7.74 48.99 0.88
N VAL M 27 8.69 48.47 0.11
CA VAL M 27 8.64 47.10 -0.40
C VAL M 27 9.30 46.18 0.62
N PRO M 28 8.66 45.09 1.03
CA PRO M 28 9.25 44.14 1.99
C PRO M 28 10.47 43.43 1.44
CA SER N 2 11.88 61.96 -13.69
C SER N 2 12.25 60.91 -12.68
N ARG N 3 13.53 60.66 -12.47
CA ARG N 3 13.94 59.71 -11.44
C ARG N 3 13.34 60.06 -10.09
N ALA N 4 13.32 61.35 -9.75
CA ALA N 4 12.77 61.78 -8.47
C ALA N 4 11.28 61.48 -8.37
N GLN N 5 10.53 61.74 -9.44
CA GLN N 5 9.09 61.54 -9.42
C GLN N 5 8.68 60.09 -9.64
N ILE N 6 9.56 59.26 -10.24
CA ILE N 6 9.23 57.85 -10.42
C ILE N 6 9.33 57.11 -9.09
N LEU N 7 10.41 57.36 -8.34
CA LEU N 7 10.52 56.79 -7.00
C LEU N 7 9.37 57.22 -6.12
N CYS N 8 8.88 58.45 -6.29
CA CYS N 8 7.72 58.91 -5.54
C CYS N 8 6.46 58.16 -5.95
N LYS N 9 6.19 58.12 -7.26
CA LYS N 9 4.98 57.46 -7.75
C LYS N 9 4.98 55.97 -7.41
N ALA N 10 6.12 55.32 -7.59
CA ALA N 10 6.23 53.91 -7.24
C ALA N 10 6.01 53.70 -5.75
N THR N 11 6.55 54.59 -4.93
CA THR N 11 6.37 54.47 -3.48
C THR N 11 4.92 54.66 -3.09
N GLU N 12 4.30 55.76 -3.56
CA GLU N 12 2.94 56.07 -3.13
C GLU N 12 1.97 54.97 -3.54
N TYR N 13 2.17 54.38 -4.72
CA TYR N 13 1.29 53.30 -5.15
C TYR N 13 1.49 52.06 -4.30
N ILE N 14 2.74 51.77 -3.91
CA ILE N 14 3.00 50.58 -3.11
C ILE N 14 2.49 50.78 -1.69
N GLN N 15 2.69 51.99 -1.13
CA GLN N 15 2.15 52.28 0.20
C GLN N 15 0.62 52.15 0.20
N TYR N 16 -0.02 52.49 -0.91
CA TYR N 16 -1.48 52.40 -0.97
C TYR N 16 -1.95 50.97 -1.21
N MET N 17 -1.29 50.25 -2.13
CA MET N 17 -1.76 48.91 -2.53
C MET N 17 -1.51 47.87 -1.45
N ARG N 18 -0.49 48.12 -0.64
CA ARG N 18 0.01 47.26 0.43
C ARG N 18 -0.70 47.45 1.73
N ARG N 19 -1.41 48.54 1.76
CA ARG N 19 -2.28 48.97 2.86
C ARG N 19 -3.64 48.29 2.79
N LYS N 20 -4.20 48.24 1.61
CA LYS N 20 -5.39 47.47 1.37
C LYS N 20 -4.94 46.05 1.11
N ASN N 21 -5.52 45.10 1.84
CA ASN N 21 -5.15 43.70 1.74
C ASN N 21 -3.64 43.49 1.88
N LYS O 1 42.34 49.94 -19.45
CA LYS O 1 41.92 49.71 -18.07
C LYS O 1 40.87 50.74 -17.64
N ARG O 2 41.27 52.00 -17.58
CA ARG O 2 40.31 53.06 -17.29
C ARG O 2 39.26 53.16 -18.38
N ALA O 3 39.68 53.09 -19.64
CA ALA O 3 38.73 53.06 -20.74
C ALA O 3 37.79 51.85 -20.63
N HIS O 4 38.29 50.73 -20.10
CA HIS O 4 37.44 49.57 -19.90
C HIS O 4 36.47 49.80 -18.75
N HIS O 5 36.94 50.40 -17.65
CA HIS O 5 36.06 50.64 -16.51
C HIS O 5 35.01 51.69 -16.84
N ASN O 6 35.42 52.79 -17.49
CA ASN O 6 34.47 53.84 -17.83
C ASN O 6 33.41 53.34 -18.81
N ALA O 7 33.79 52.41 -19.70
CA ALA O 7 32.81 51.87 -20.64
C ALA O 7 31.82 50.93 -19.98
N LEU O 8 32.23 50.25 -18.91
CA LEU O 8 31.33 49.33 -18.21
C LEU O 8 30.43 50.07 -17.24
N GLU O 9 30.97 51.06 -16.51
CA GLU O 9 30.12 51.93 -15.70
C GLU O 9 29.11 52.65 -16.58
N ARG O 10 29.49 53.00 -17.81
CA ARG O 10 28.51 53.52 -18.74
C ARG O 10 27.38 52.51 -18.97
N LYS O 11 27.70 51.22 -18.96
CA LYS O 11 26.73 50.18 -19.30
C LYS O 11 25.80 49.83 -18.15
N ARG O 12 26.30 49.98 -16.93
CA ARG O 12 25.53 49.73 -15.71
C ARG O 12 24.52 50.84 -15.58
N ARG O 13 25.00 52.08 -15.65
CA ARG O 13 24.15 53.26 -15.62
C ARG O 13 23.03 53.12 -16.65
N ASP O 14 23.35 52.51 -17.79
CA ASP O 14 22.33 52.21 -18.78
C ASP O 14 21.31 51.22 -18.25
N HIS O 15 21.74 50.28 -17.40
CA HIS O 15 20.81 49.30 -16.86
C HIS O 15 19.97 49.88 -15.73
N ILE O 16 20.53 50.80 -14.94
CA ILE O 16 19.73 51.49 -13.92
C ILE O 16 18.67 52.34 -14.59
N LYS O 17 19.02 52.95 -15.72
CA LYS O 17 18.06 53.61 -16.59
C LYS O 17 16.95 52.66 -17.04
N ASP O 18 17.29 51.43 -17.43
CA ASP O 18 16.25 50.52 -17.87
C ASP O 18 15.40 50.04 -16.70
N SER O 19 15.99 49.93 -15.51
CA SER O 19 15.21 49.55 -14.34
C SER O 19 14.20 50.64 -13.97
N PHE O 20 14.60 51.91 -14.11
CA PHE O 20 13.67 53.00 -13.84
C PHE O 20 12.49 52.97 -14.80
N HIS O 21 12.77 52.75 -16.09
CA HIS O 21 11.70 52.75 -17.09
C HIS O 21 10.79 51.53 -16.94
N LYS O 22 11.33 50.41 -16.45
CA LYS O 22 10.49 49.25 -16.19
C LYS O 22 9.62 49.46 -14.97
N LEU O 23 10.12 50.19 -13.97
CA LEU O 23 9.33 50.49 -12.78
C LEU O 23 8.27 51.56 -13.06
N ARG O 24 8.63 52.57 -13.85
CA ARG O 24 7.68 53.63 -14.19
C ARG O 24 6.47 53.05 -14.93
N ASP O 25 6.69 52.06 -15.80
CA ASP O 25 5.59 51.46 -16.54
C ASP O 25 4.67 50.66 -15.63
N SER O 26 5.20 50.07 -14.56
CA SER O 26 4.40 49.20 -13.72
C SER O 26 3.30 49.97 -12.99
N VAL O 27 3.60 51.19 -12.55
CA VAL O 27 2.65 51.98 -11.78
C VAL O 27 1.65 52.65 -12.73
N PRO O 28 0.35 52.37 -12.59
CA PRO O 28 -0.70 52.89 -13.47
C PRO O 28 -0.86 54.41 -13.37
N SER P 2 22.43 47.92 -4.69
CA SER P 2 21.16 47.87 -3.97
C SER P 2 20.13 48.75 -4.68
N ARG P 3 20.60 49.82 -5.32
CA ARG P 3 19.70 50.62 -6.16
C ARG P 3 19.06 49.75 -7.23
N ALA P 4 19.87 48.95 -7.94
CA ALA P 4 19.32 47.97 -8.86
C ALA P 4 18.41 46.99 -8.14
N GLN P 5 18.80 46.58 -6.93
CA GLN P 5 17.96 45.68 -6.14
C GLN P 5 16.63 46.34 -5.76
N ILE P 6 16.70 47.55 -5.19
CA ILE P 6 15.49 48.25 -4.79
C ILE P 6 14.55 48.43 -5.97
N LEU P 7 15.11 48.77 -7.14
CA LEU P 7 14.27 48.90 -8.33
C LEU P 7 13.73 47.54 -8.77
N CYS P 8 14.55 46.50 -8.69
CA CYS P 8 14.06 45.18 -9.09
C CYS P 8 13.05 44.64 -8.09
N LYS P 9 13.29 44.84 -6.79
CA LYS P 9 12.36 44.24 -5.84
C LYS P 9 11.03 45.00 -5.82
N ALA P 10 11.07 46.32 -5.98
CA ALA P 10 9.84 47.10 -6.13
C ALA P 10 9.13 46.76 -7.44
N THR P 11 9.88 46.48 -8.51
CA THR P 11 9.23 46.29 -9.80
C THR P 11 8.58 44.92 -9.89
N GLU P 12 9.15 43.92 -9.21
CA GLU P 12 8.54 42.59 -9.13
C GLU P 12 7.51 42.49 -8.01
N TYR P 13 7.53 43.41 -7.05
CA TYR P 13 6.52 43.38 -5.99
C TYR P 13 5.21 44.01 -6.45
N ILE P 14 5.26 44.98 -7.35
CA ILE P 14 4.03 45.53 -7.91
C ILE P 14 3.37 44.50 -8.82
N GLN P 15 4.16 43.78 -9.61
CA GLN P 15 3.61 42.75 -10.48
C GLN P 15 2.97 41.62 -9.67
N TYR P 16 3.44 41.40 -8.44
CA TYR P 16 2.80 40.42 -7.58
C TYR P 16 1.55 40.98 -6.90
N MET P 17 1.50 42.29 -6.69
CA MET P 17 0.33 42.94 -6.09
C MET P 17 -0.73 43.29 -7.12
N ARG P 18 -0.31 43.82 -8.27
CA ARG P 18 -1.27 44.21 -9.30
C ARG P 18 -1.94 43.02 -9.97
N ARG P 19 -1.39 41.83 -9.81
CA ARG P 19 -1.99 40.61 -10.35
C ARG P 19 -3.10 40.06 -9.45
N ARG S 2 -16.36 4.29 -10.69
CA ARG S 2 -16.56 3.78 -12.05
C ARG S 2 -17.84 2.96 -12.16
N ALA S 3 -18.45 2.96 -13.34
CA ALA S 3 -19.43 1.94 -13.67
C ALA S 3 -18.76 0.60 -13.96
N HIS S 4 -17.44 0.62 -14.17
CA HIS S 4 -16.66 -0.60 -14.33
C HIS S 4 -16.46 -1.33 -13.01
N HIS S 5 -16.52 -0.63 -11.88
CA HIS S 5 -16.51 -1.31 -10.59
C HIS S 5 -17.78 -2.14 -10.43
N ASN S 6 -18.94 -1.53 -10.67
CA ASN S 6 -20.21 -2.26 -10.62
C ASN S 6 -20.16 -3.51 -11.50
N ALA S 7 -19.39 -3.46 -12.58
CA ALA S 7 -19.38 -4.57 -13.54
C ALA S 7 -18.70 -5.80 -12.97
N LEU S 8 -17.55 -5.64 -12.30
CA LEU S 8 -16.85 -6.80 -11.75
C LEU S 8 -17.58 -7.38 -10.55
N GLU S 9 -18.17 -6.52 -9.72
CA GLU S 9 -18.95 -7.02 -8.58
C GLU S 9 -20.08 -7.91 -9.05
N ARG S 10 -20.73 -7.54 -10.17
CA ARG S 10 -21.74 -8.40 -10.76
C ARG S 10 -21.17 -9.76 -11.13
N LYS S 11 -19.92 -9.78 -11.61
CA LYS S 11 -19.27 -11.04 -11.92
C LYS S 11 -18.93 -11.81 -10.65
N ARG S 12 -18.56 -11.11 -9.58
CA ARG S 12 -18.26 -11.80 -8.33
C ARG S 12 -19.53 -12.34 -7.68
N ARG S 13 -20.63 -11.60 -7.76
CA ARG S 13 -21.91 -12.10 -7.27
C ARG S 13 -22.34 -13.32 -8.06
N ASP S 14 -22.25 -13.26 -9.40
CA ASP S 14 -22.55 -14.41 -10.23
C ASP S 14 -21.61 -15.57 -9.94
N HIS S 15 -20.42 -15.30 -9.41
CA HIS S 15 -19.54 -16.37 -8.97
C HIS S 15 -20.02 -16.95 -7.64
N ILE S 16 -20.48 -16.10 -6.72
CA ILE S 16 -21.02 -16.57 -5.45
C ILE S 16 -22.32 -17.33 -5.68
N LYS S 17 -23.19 -16.81 -6.55
CA LYS S 17 -24.42 -17.53 -6.87
C LYS S 17 -24.13 -18.89 -7.49
N ASP S 18 -23.06 -18.99 -8.27
CA ASP S 18 -22.64 -20.28 -8.79
C ASP S 18 -22.07 -21.16 -7.69
N SER S 19 -21.46 -20.56 -6.67
CA SER S 19 -20.95 -21.34 -5.54
C SER S 19 -22.09 -21.80 -4.65
N PHE S 20 -23.12 -20.98 -4.48
CA PHE S 20 -24.30 -21.42 -3.74
C PHE S 20 -24.97 -22.59 -4.44
N HIS S 21 -25.11 -22.51 -5.77
CA HIS S 21 -25.78 -23.58 -6.51
C HIS S 21 -24.97 -24.87 -6.47
N LYS S 22 -23.64 -24.78 -6.49
CA LYS S 22 -22.83 -25.97 -6.37
C LYS S 22 -23.01 -26.63 -5.01
N LEU S 23 -23.10 -25.82 -3.95
CA LEU S 23 -23.33 -26.36 -2.62
C LEU S 23 -24.71 -26.99 -2.50
N ARG S 24 -25.72 -26.35 -3.08
CA ARG S 24 -27.08 -26.87 -3.02
C ARG S 24 -27.21 -28.18 -3.79
N ASP S 25 -26.49 -28.32 -4.91
CA ASP S 25 -26.57 -29.54 -5.70
C ASP S 25 -25.86 -30.70 -5.01
N SER S 26 -24.85 -30.40 -4.20
CA SER S 26 -24.11 -31.46 -3.51
C SER S 26 -24.94 -32.11 -2.40
N VAL S 27 -25.93 -31.41 -1.87
CA VAL S 27 -26.72 -31.86 -0.73
C VAL S 27 -28.04 -32.39 -1.22
N PRO S 28 -28.47 -33.59 -0.82
CA PRO S 28 -29.77 -34.15 -1.18
C PRO S 28 -30.93 -33.30 -0.67
CA SER T 2 -14.53 -15.33 3.08
C SER T 2 -15.66 -16.25 2.68
N ARG T 3 -16.78 -15.67 2.24
CA ARG T 3 -17.92 -16.47 1.83
C ARG T 3 -17.57 -17.38 0.66
N ALA T 4 -16.60 -16.99 -0.17
CA ALA T 4 -16.17 -17.85 -1.26
C ALA T 4 -15.42 -19.07 -0.72
N GLN T 5 -14.56 -18.86 0.29
CA GLN T 5 -13.84 -19.99 0.87
C GLN T 5 -14.78 -20.94 1.60
N ILE T 6 -15.76 -20.39 2.33
CA ILE T 6 -16.68 -21.23 3.09
C ILE T 6 -17.52 -22.09 2.15
N LEU T 7 -18.11 -21.46 1.12
CA LEU T 7 -18.90 -22.21 0.15
C LEU T 7 -18.06 -23.26 -0.54
N CYS T 8 -16.80 -22.94 -0.83
CA CYS T 8 -15.89 -23.91 -1.43
C CYS T 8 -15.53 -25.04 -0.47
N LYS T 9 -15.62 -24.80 0.83
CA LYS T 9 -15.26 -25.80 1.84
C LYS T 9 -16.43 -26.67 2.26
N ALA T 10 -17.62 -26.08 2.41
CA ALA T 10 -18.81 -26.91 2.58
C ALA T 10 -19.00 -27.83 1.39
N THR T 11 -18.92 -27.28 0.18
CA THR T 11 -19.13 -28.08 -1.03
C THR T 11 -18.19 -29.28 -1.07
N GLU T 12 -16.88 -29.02 -1.07
CA GLU T 12 -15.92 -30.10 -1.33
C GLU T 12 -15.73 -31.03 -0.15
N TYR T 13 -16.27 -30.72 1.02
CA TYR T 13 -16.28 -31.70 2.10
C TYR T 13 -17.46 -32.66 1.99
N ILE T 14 -18.59 -32.19 1.47
CA ILE T 14 -19.71 -33.08 1.20
C ILE T 14 -19.42 -33.95 -0.01
N GLN T 15 -18.85 -33.37 -1.06
CA GLN T 15 -18.48 -34.13 -2.25
C GLN T 15 -17.54 -35.28 -1.91
N TYR T 16 -16.67 -35.09 -0.91
CA TYR T 16 -15.80 -36.16 -0.46
C TYR T 16 -16.56 -37.13 0.43
N MET T 17 -17.35 -36.62 1.37
CA MET T 17 -18.07 -37.49 2.30
C MET T 17 -19.18 -38.26 1.62
N ARG T 18 -19.72 -37.73 0.51
CA ARG T 18 -20.72 -38.48 -0.24
C ARG T 18 -20.11 -39.59 -1.08
N ARG T 19 -18.81 -39.50 -1.36
CA ARG T 19 -18.13 -40.61 -2.04
C ARG T 19 -17.86 -41.76 -1.07
N LYS T 20 -17.43 -41.44 0.15
CA LYS T 20 -17.04 -42.44 1.12
C LYS T 20 -18.25 -43.07 1.79
N ASN T 21 -19.26 -42.26 2.11
CA ASN T 21 -20.37 -42.65 2.97
C ASN T 21 -19.86 -43.09 4.33
N LYS U 1 -41.45 4.09 4.95
CA LYS U 1 -41.51 2.64 5.10
C LYS U 1 -40.15 2.03 4.83
N ARG U 2 -39.27 2.78 4.16
CA ARG U 2 -37.92 2.29 3.90
C ARG U 2 -37.16 2.04 5.20
N ALA U 3 -37.26 2.97 6.15
CA ALA U 3 -36.55 2.82 7.41
C ALA U 3 -36.88 1.49 8.08
N HIS U 4 -38.16 1.11 8.07
CA HIS U 4 -38.53 -0.20 8.62
C HIS U 4 -38.07 -1.33 7.71
N HIS U 5 -38.07 -1.11 6.40
CA HIS U 5 -37.65 -2.16 5.48
C HIS U 5 -36.13 -2.34 5.50
N ASN U 6 -35.38 -1.25 5.49
CA ASN U 6 -33.93 -1.35 5.54
C ASN U 6 -33.46 -1.98 6.85
N ALA U 7 -34.24 -1.82 7.92
CA ALA U 7 -33.88 -2.43 9.20
C ALA U 7 -34.10 -3.93 9.19
N LEU U 8 -35.23 -4.39 8.65
CA LEU U 8 -35.44 -5.82 8.49
C LEU U 8 -34.37 -6.43 7.58
N GLU U 9 -33.87 -5.66 6.61
CA GLU U 9 -32.93 -6.25 5.67
C GLU U 9 -31.53 -6.35 6.29
N ARG U 10 -31.20 -5.39 7.13
CA ARG U 10 -29.98 -5.40 7.84
C ARG U 10 -30.11 -6.58 8.75
N LYS U 11 -31.35 -6.91 9.35
N LYS U 11 -31.34 -6.91 9.37
CA LYS U 11 -31.56 -8.07 10.21
CA LYS U 11 -31.54 -8.09 10.21
C LYS U 11 -31.55 -9.38 9.41
C LYS U 11 -31.48 -9.38 9.39
N ARG U 12 -31.92 -9.32 8.13
CA ARG U 12 -31.94 -10.52 7.30
C ARG U 12 -30.52 -10.94 6.93
N ARG U 13 -29.69 -10.01 6.46
CA ARG U 13 -28.29 -10.33 6.21
C ARG U 13 -27.59 -10.79 7.48
N ASP U 14 -28.02 -10.26 8.62
CA ASP U 14 -27.35 -10.60 9.88
C ASP U 14 -27.53 -12.08 10.18
N HIS U 15 -28.66 -12.66 9.72
CA HIS U 15 -28.96 -14.08 9.81
C HIS U 15 -28.38 -14.90 8.66
N ILE U 16 -28.01 -14.25 7.55
CA ILE U 16 -27.30 -14.94 6.48
C ILE U 16 -25.88 -15.29 6.93
N LYS U 17 -25.16 -14.29 7.43
CA LYS U 17 -23.87 -14.51 8.08
C LYS U 17 -23.94 -15.61 9.14
N ASP U 18 -24.90 -15.50 10.01
CA ASP U 18 -25.06 -16.42 11.08
C ASP U 18 -25.08 -17.85 10.60
N SER U 19 -25.67 -18.08 9.46
CA SER U 19 -25.65 -19.40 8.83
C SER U 19 -24.29 -19.70 8.21
N PHE U 20 -23.61 -18.67 7.70
CA PHE U 20 -22.29 -18.88 7.12
C PHE U 20 -21.30 -19.38 8.17
N HIS U 21 -21.27 -18.71 9.33
CA HIS U 21 -20.33 -19.10 10.38
C HIS U 21 -20.68 -20.46 10.96
N LYS U 22 -21.97 -20.75 11.11
CA LYS U 22 -22.37 -22.07 11.60
C LYS U 22 -21.93 -23.16 10.64
N LEU U 23 -22.09 -22.92 9.33
CA LEU U 23 -21.58 -23.87 8.34
C LEU U 23 -20.06 -23.88 8.33
N ARG U 24 -19.44 -22.71 8.49
CA ARG U 24 -17.98 -22.63 8.53
C ARG U 24 -17.42 -23.54 9.62
N ASP U 25 -18.05 -23.53 10.80
CA ASP U 25 -17.57 -24.29 11.95
C ASP U 25 -17.97 -25.77 11.90
N SER U 26 -18.63 -26.21 10.83
CA SER U 26 -19.06 -27.60 10.72
C SER U 26 -18.12 -28.46 9.88
N VAL U 27 -17.31 -27.85 9.04
CA VAL U 27 -16.38 -28.58 8.16
C VAL U 27 -14.98 -28.54 8.78
N PRO U 28 -14.31 -29.68 8.93
CA PRO U 28 -12.90 -29.74 9.33
C PRO U 28 -11.99 -29.45 8.14
CA SER V 2 -33.02 -19.81 -1.19
C SER V 2 -31.68 -19.99 -0.49
N ARG V 3 -30.90 -18.90 -0.41
CA ARG V 3 -29.56 -18.98 0.15
C ARG V 3 -29.57 -19.43 1.61
N ALA V 4 -30.51 -18.90 2.41
CA ALA V 4 -30.68 -19.37 3.77
C ALA V 4 -30.91 -20.89 3.81
N GLN V 5 -31.65 -21.42 2.83
CA GLN V 5 -32.14 -22.78 2.95
C GLN V 5 -31.09 -23.74 2.39
N ILE V 6 -30.28 -23.26 1.44
CA ILE V 6 -29.07 -23.96 1.00
C ILE V 6 -28.08 -24.09 2.16
N LEU V 7 -27.85 -22.98 2.87
CA LEU V 7 -26.86 -22.99 3.94
C LEU V 7 -27.28 -23.84 5.11
N CYS V 8 -28.59 -24.05 5.31
CA CYS V 8 -29.06 -24.79 6.47
C CYS V 8 -29.21 -26.28 6.19
N LYS V 9 -29.56 -26.64 4.95
CA LYS V 9 -29.47 -28.05 4.57
C LYS V 9 -28.02 -28.52 4.59
N ALA V 10 -27.12 -27.74 3.99
CA ALA V 10 -25.70 -28.09 3.99
C ALA V 10 -25.17 -28.21 5.41
N THR V 11 -25.65 -27.35 6.31
CA THR V 11 -25.25 -27.46 7.71
C THR V 11 -25.86 -28.70 8.35
N GLU V 12 -27.15 -28.96 8.09
CA GLU V 12 -27.80 -30.12 8.68
C GLU V 12 -27.34 -31.42 8.02
N TYR V 13 -27.03 -31.39 6.71
CA TYR V 13 -26.56 -32.59 6.05
C TYR V 13 -25.13 -32.95 6.44
N ILE V 14 -24.37 -31.99 6.97
CA ILE V 14 -23.01 -32.29 7.41
C ILE V 14 -23.03 -32.88 8.82
N GLN V 15 -23.73 -32.22 9.76
CA GLN V 15 -23.83 -32.75 11.12
C GLN V 15 -24.37 -34.16 11.12
N TYR V 16 -25.25 -34.49 10.17
CA TYR V 16 -25.78 -35.84 10.07
C TYR V 16 -24.72 -36.82 9.61
N MET V 17 -23.89 -36.42 8.64
CA MET V 17 -22.83 -37.31 8.19
C MET V 17 -21.78 -37.52 9.27
N ARG V 18 -21.59 -36.55 10.16
CA ARG V 18 -20.54 -36.72 11.16
C ARG V 18 -21.00 -37.49 12.39
N ARG V 19 -22.31 -37.60 12.59
CA ARG V 19 -22.86 -38.32 13.73
C ARG V 19 -23.23 -39.75 13.36
C02 V7J Y . -2.21 -53.56 28.47
C03 V7J Y . -1.69 -54.98 28.63
C05 V7J Y . -3.60 -56.50 27.84
C06 V7J Y . -3.88 -57.36 26.59
C07 V7J Y . -2.72 -57.14 25.63
C08 V7J Y . -1.74 -56.28 26.34
N01 V7J Y . -3.48 -53.17 29.08
N04 V7J Y . -2.31 -55.87 27.67
O09 V7J Y . -0.67 -55.97 25.92
O10 V7J Y . -4.30 -56.39 28.78
O11 V7J Y . -1.59 -52.77 27.84
C02 V7J Z . -12.78 -43.76 7.55
C03 V7J Z . -12.04 -43.56 8.87
C05 V7J Z . -14.32 -42.64 9.69
C06 V7J Z . -14.74 -42.07 11.09
C07 V7J Z . -13.46 -42.06 11.90
C08 V7J Z . -12.79 -43.26 11.38
N01 V7J Z . -12.63 -45.00 6.81
N04 V7J Z . -13.00 -43.18 9.89
O09 V7J Z . -12.24 -44.11 11.98
O10 V7J Z . -14.86 -42.42 8.65
O11 V7J Z . -13.49 -42.90 7.13
O5' D5M AA . -16.24 -81.26 28.07
C5' D5M AA . -16.75 -82.09 27.03
C4' D5M AA . -17.05 -81.27 25.78
O4' D5M AA . -15.92 -80.42 25.49
C3' D5M AA . -17.32 -82.09 24.51
O3' D5M AA . -18.63 -81.81 24.02
C2' D5M AA . -16.23 -81.63 23.53
C1' D5M AA . -15.81 -80.29 24.09
N9 D5M AA . -14.46 -79.88 23.76
C8 D5M AA . -13.82 -80.04 22.56
N7 D5M AA . -12.60 -79.57 22.54
C5 D5M AA . -12.42 -79.04 23.81
C6 D5M AA . -11.34 -78.39 24.42
N6 D5M AA . -10.17 -78.14 23.80
N1 D5M AA . -11.49 -77.99 25.70
C2 D5M AA . -12.65 -78.24 26.31
N3 D5M AA . -13.74 -78.84 25.85
C4 D5M AA . -13.55 -79.22 24.57
C02 V7J BA . 29.42 27.07 -7.87
C03 V7J BA . 30.30 27.15 -9.12
C05 V7J BA . 30.25 24.67 -9.78
C06 V7J BA . 31.30 23.53 -9.81
C07 V7J BA . 32.64 24.21 -9.63
C08 V7J BA . 32.35 25.51 -9.03
N01 V7J BA . 29.87 27.67 -6.63
N04 V7J BA . 30.91 25.85 -9.31
O09 V7J BA . 33.12 26.19 -8.42
O10 V7J BA . 29.11 24.57 -10.10
O11 V7J BA . 28.36 26.53 -7.93
C1 ACM CA . 29.75 16.95 -21.51
O ACM CA . 29.67 18.19 -21.45
N ACM CA . 28.63 16.15 -21.36
C2 ACM CA . 31.05 16.23 -21.73
C02 V7J DA . 12.08 20.41 -21.31
C03 V7J DA . 12.57 20.56 -19.87
C05 V7J DA . 10.74 19.13 -18.77
C06 V7J DA . 9.57 19.41 -17.81
C07 V7J DA . 9.46 20.91 -17.70
C08 V7J DA . 10.75 21.45 -18.19
N01 V7J DA . 13.02 20.40 -22.41
N04 V7J DA . 11.43 20.38 -19.00
O09 V7J DA . 11.17 22.53 -17.98
O10 V7J DA . 11.03 18.09 -19.27
O11 V7J DA . 10.92 20.30 -21.52
C02 V7J EA . 10.74 43.20 -14.80
C03 V7J EA . 11.03 42.05 -13.82
C05 V7J EA . 12.80 43.37 -12.46
C06 V7J EA . 14.21 43.05 -11.91
C07 V7J EA . 14.36 41.54 -12.06
C08 V7J EA . 13.37 41.14 -13.07
N01 V7J EA . 11.67 43.50 -15.87
N04 V7J EA . 12.32 42.20 -13.16
O09 V7J EA . 13.41 40.14 -13.72
O10 V7J EA . 12.22 44.40 -12.33
O11 V7J EA . 9.75 43.84 -14.68
C02 V7J FA . -28.70 -24.72 13.97
C03 V7J FA . -28.79 -25.74 12.85
C05 V7J FA . -30.99 -24.57 12.16
C06 V7J FA . -31.79 -24.48 10.84
C07 V7J FA . -31.26 -25.62 10.00
C08 V7J FA . -29.89 -25.82 10.46
N01 V7J FA . -27.93 -23.49 13.77
N04 V7J FA . -29.83 -25.38 11.90
O09 V7J FA . -28.98 -26.23 9.82
O10 V7J FA . -31.29 -24.05 13.19
O11 V7J FA . -29.24 -24.91 15.00
#